data_1GN7
#
_entry.id   1GN7
#
_cell.length_a   1.000
_cell.length_b   1.000
_cell.length_c   1.000
_cell.angle_alpha   90.00
_cell.angle_beta   90.00
_cell.angle_gamma   90.00
#
_symmetry.space_group_name_H-M   'P 1'
#
_entity_poly.entity_id   1
_entity_poly.type   'polydeoxyribonucleotide'
_entity_poly.pdbx_seq_one_letter_code
;(DA)(DG)(DA)(DG)(DA)(DG)(DA)(DA)(DC)(DC)(DC)(DC)(DT)(DT)(DC)(DT)(DC)(DT)(DC)(DT)
(DT)(DA)(DT)(DA)(DT)(DC)(DT)(GN7)(DT)(DC)(DT)(DT)
;
_entity_poly.pdbx_strand_id   A
#
loop_
_chem_comp.id
_chem_comp.type
_chem_comp.name
_chem_comp.formula
DA DNA linking 2'-DEOXYADENOSINE-5'-MONOPHOSPHATE 'C10 H14 N5 O6 P'
DC DNA linking 2'-DEOXYCYTIDINE-5'-MONOPHOSPHATE 'C9 H14 N3 O7 P'
DG DNA linking 2'-DEOXYGUANOSINE-5'-MONOPHOSPHATE 'C10 H14 N5 O7 P'
DT DNA linking THYMIDINE-5'-MONOPHOSPHATE 'C10 H15 N2 O8 P'
GN7 DNA linking N7-2'-DEOXY-GUANOSINE-5'-MONOPHOSPHATE 'C10 H14 N5 O7 P'
#
# COMPACT_ATOMS: atom_id res chain seq x y z
P GN7 A 28 4.46 -3.06 -1.38
OP1 GN7 A 28 5.27 -3.47 -0.21
OP2 GN7 A 28 3.91 -4.09 -2.29
O5' GN7 A 28 3.23 -2.15 -0.83
C5' GN7 A 28 2.30 -2.57 0.19
C4' GN7 A 28 2.11 -1.44 1.24
O4' GN7 A 28 1.61 -0.24 0.64
C3' GN7 A 28 1.11 -1.75 2.36
O3' GN7 A 28 1.46 -0.85 3.44
C2' GN7 A 28 -0.18 -1.32 1.67
C1' GN7 A 28 0.23 -0.01 1.02
N9 GN7 A 28 -1.10 0.44 -2.38
C8 GN7 A 28 -0.39 -0.14 -1.46
N7 GN7 A 28 -0.49 0.38 -0.20
C5 GN7 A 28 -1.41 1.41 -0.35
C6 GN7 A 28 -1.96 2.35 0.58
O6 GN7 A 28 -1.75 2.44 1.79
N1 GN7 A 28 -2.86 3.21 -0.05
C2 GN7 A 28 -3.16 3.15 -1.39
N2 GN7 A 28 -4.03 4.04 -1.81
N3 GN7 A 28 -2.64 2.28 -2.26
C4 GN7 A 28 -1.77 1.44 -1.67
H5' GN7 A 28 2.65 -3.47 0.70
H5'' GN7 A 28 1.34 -2.79 -0.28
H4' GN7 A 28 3.08 -1.24 1.67
H3' GN7 A 28 1.15 -2.79 2.66
H2' GN7 A 28 -0.40 -2.06 0.90
H2'' GN7 A 28 -1.03 -1.21 2.34
H1' GN7 A 28 0.17 0.78 1.77
H8 GN7 A 28 0.27 -0.97 -1.67
HN1 GN7 A 28 -3.33 3.92 0.50
HN21 GN7 A 28 -4.40 4.68 -1.12
HN22 GN7 A 28 -4.34 4.07 -2.77
P GN7 A 28 3.83 -3.23 -1.74
OP1 GN7 A 28 4.58 -4.13 -0.84
OP2 GN7 A 28 3.08 -3.80 -2.88
O5' GN7 A 28 2.78 -2.37 -0.84
C5' GN7 A 28 3.14 -1.96 0.48
C4' GN7 A 28 2.03 -1.30 1.31
O4' GN7 A 28 1.57 0.02 0.91
C3' GN7 A 28 0.78 -2.18 1.49
O3' GN7 A 28 1.19 -3.22 2.40
C2' GN7 A 28 -0.19 -1.13 1.93
C1' GN7 A 28 0.14 0.07 1.09
N9 GN7 A 28 -1.18 0.59 -2.28
C8 GN7 A 28 -0.45 0.01 -1.38
N7 GN7 A 28 -0.56 0.50 -0.12
C5 GN7 A 28 -1.47 1.53 -0.24
C6 GN7 A 28 -2.02 2.46 0.73
O6 GN7 A 28 -1.79 2.54 1.93
N1 GN7 A 28 -2.92 3.34 0.13
C2 GN7 A 28 -3.24 3.31 -1.21
N2 GN7 A 28 -4.13 4.20 -1.60
N3 GN7 A 28 -2.73 2.45 -2.10
C4 GN7 A 28 -1.85 1.59 -1.55
H5' GN7 A 28 3.99 -1.27 0.42
H5'' GN7 A 28 3.46 -2.84 1.04
H4' GN7 A 28 2.42 -1.18 2.32
H3' GN7 A 28 0.43 -2.57 0.54
H2' GN7 A 28 -1.25 -1.38 1.92
H2'' GN7 A 28 0.11 -0.88 2.95
H1' GN7 A 28 -0.34 0.75 1.75
H8 GN7 A 28 0.21 -0.83 -1.61
HN1 GN7 A 28 -3.40 4.05 0.69
HN21 GN7 A 28 -4.48 4.85 -0.91
HN22 GN7 A 28 -4.45 4.21 -2.56
P GN7 A 28 4.27 -3.12 -1.71
OP1 GN7 A 28 4.94 -3.74 -0.54
OP2 GN7 A 28 3.77 -3.97 -2.81
O5' GN7 A 28 3.02 -2.23 -1.18
C5' GN7 A 28 2.15 -2.62 -0.10
C4' GN7 A 28 2.21 -1.58 1.04
O4' GN7 A 28 1.74 -0.29 0.61
C3' GN7 A 28 1.34 -1.90 2.24
O3' GN7 A 28 1.88 -1.13 3.32
C2' GN7 A 28 -0.01 -1.35 1.75
C1' GN7 A 28 0.41 -0.02 1.13
N9 GN7 A 28 -1.10 0.70 -2.14
C8 GN7 A 28 -0.33 0.07 -1.31
N7 GN7 A 28 -0.39 0.48 -0.01
C5 GN7 A 28 -1.32 1.50 -0.03
C6 GN7 A 28 -1.86 2.34 0.99
O6 GN7 A 28 -1.59 2.34 2.20
N1 GN7 A 28 -2.78 3.24 0.48
C2 GN7 A 28 -3.14 3.29 -0.85
N2 GN7 A 28 -4.06 4.18 -1.17
N3 GN7 A 28 -2.66 2.51 -1.81
C4 GN7 A 28 -1.74 1.63 -1.33
H5' GN7 A 28 2.44 -3.59 0.31
H5'' GN7 A 28 1.13 -2.69 -0.47
H4' GN7 A 28 3.25 -1.49 1.34
H3' GN7 A 28 1.33 -2.96 2.46
H2' GN7 A 28 -0.37 -2.04 0.97
H2'' GN7 A 28 -0.77 -1.24 2.50
H1' GN7 A 28 0.45 0.72 1.93
H8 GN7 A 28 0.34 -0.75 -1.62
HN1 GN7 A 28 -3.23 3.90 1.10
HN21 GN7 A 28 -4.41 4.80 -0.46
HN22 GN7 A 28 -4.40 4.25 -2.12
P GN7 A 28 5.63 -1.90 -0.81
OP1 GN7 A 28 6.75 -0.96 -0.64
OP2 GN7 A 28 5.81 -3.31 -0.39
O5' GN7 A 28 4.37 -1.33 0.03
C5' GN7 A 28 3.17 -2.09 0.30
C4' GN7 A 28 2.30 -1.48 1.41
O4' GN7 A 28 1.93 -0.12 1.08
C3' GN7 A 28 1.00 -2.29 1.62
O3' GN7 A 28 1.29 -3.24 2.69
C2' GN7 A 28 0.03 -1.18 1.98
C1' GN7 A 28 0.50 0.03 1.23
N9 GN7 A 28 -0.73 0.44 -2.19
C8 GN7 A 28 -0.01 -0.10 -1.25
N7 GN7 A 28 -0.19 0.40 -0.01
C5 GN7 A 28 -1.15 1.38 -0.17
C6 GN7 A 28 -1.78 2.28 0.75
O6 GN7 A 28 -1.61 2.39 1.97
N1 GN7 A 28 -2.71 3.11 0.11
C2 GN7 A 28 -2.96 3.05 -1.25
N2 GN7 A 28 -3.87 3.88 -1.73
N3 GN7 A 28 -2.37 2.20 -2.09
C4 GN7 A 28 -1.47 1.40 -1.50
H5' GN7 A 28 3.42 -3.11 0.59
H5'' GN7 A 28 2.60 -2.10 -0.63
H4' GN7 A 28 2.85 -1.50 2.35
H3' GN7 A 28 0.64 -2.77 0.72
H2' GN7 A 28 -1.02 -1.41 1.78
H2'' GN7 A 28 0.16 -0.99 3.05
H1' GN7 A 28 0.29 0.85 1.86
H8 GN7 A 28 0.70 -0.90 -1.45
HN1 GN7 A 28 -3.22 3.80 0.66
HN21 GN7 A 28 -4.31 4.52 -1.08
HN22 GN7 A 28 -4.14 3.89 -2.69
P GN7 A 28 4.34 -2.99 -1.55
OP1 GN7 A 28 5.29 -4.03 -1.11
OP2 GN7 A 28 3.30 -3.36 -2.54
O5' GN7 A 28 3.60 -2.44 -0.22
C5' GN7 A 28 2.56 -1.45 -0.23
C4' GN7 A 28 2.27 -0.81 1.14
O4' GN7 A 28 1.53 0.43 1.07
C3' GN7 A 28 1.48 -1.64 2.15
O3' GN7 A 28 1.75 -1.06 3.45
C2' GN7 A 28 0.07 -1.32 1.64
C1' GN7 A 28 0.13 0.16 1.29
N9 GN7 A 28 -1.06 0.73 -2.14
C8 GN7 A 28 -0.37 0.14 -1.22
N7 GN7 A 28 -0.53 0.60 0.06
C5 GN7 A 28 -1.46 1.62 -0.09
C6 GN7 A 28 -2.05 2.52 0.86
O6 GN7 A 28 -1.88 2.59 2.07
N1 GN7 A 28 -2.93 3.39 0.22
C2 GN7 A 28 -3.19 3.37 -1.13
N2 GN7 A 28 -4.06 4.25 -1.55
N3 GN7 A 28 -2.63 2.55 -2.01
C4 GN7 A 28 -1.77 1.69 -1.43
H5' GN7 A 28 1.65 -1.91 -0.63
H5'' GN7 A 28 2.88 -0.66 -0.90
H4' GN7 A 28 3.24 -0.59 1.59
H3' GN7 A 28 1.73 -2.70 2.13
H2' GN7 A 28 -0.09 -1.90 0.72
H2'' GN7 A 28 -0.74 -1.53 2.34
H1' GN7 A 28 -0.30 0.70 2.13
H8 GN7 A 28 0.30 -0.68 -1.46
HN1 GN7 A 28 -3.43 4.07 0.78
HN21 GN7 A 28 -4.46 4.86 -0.86
HN22 GN7 A 28 -4.33 4.31 -2.52
P GN7 A 28 3.71 -3.45 -1.57
OP1 GN7 A 28 4.24 -4.47 -0.64
OP2 GN7 A 28 3.02 -3.88 -2.81
O5' GN7 A 28 2.68 -2.50 -0.75
C5' GN7 A 28 3.15 -1.88 0.45
C4' GN7 A 28 2.10 -1.14 1.29
O4' GN7 A 28 1.43 -0.06 0.62
C3' GN7 A 28 1.00 -1.99 1.91
O3' GN7 A 28 1.02 -1.57 3.29
C2' GN7 A 28 -0.24 -1.52 1.18
C1' GN7 A 28 0.03 -0.05 0.93
N9 GN7 A 28 -1.20 0.63 -2.47
C8 GN7 A 28 -0.52 0.02 -1.56
N7 GN7 A 28 -0.65 0.47 -0.28
C5 GN7 A 28 -1.55 1.51 -0.40
C6 GN7 A 28 -2.13 2.43 0.56
O6 GN7 A 28 -1.94 2.47 1.77
N1 GN7 A 28 -2.99 3.33 -0.06
C2 GN7 A 28 -3.26 3.33 -1.41
N2 GN7 A 28 -4.12 4.23 -1.82
N3 GN7 A 28 -2.72 2.49 -2.29
C4 GN7 A 28 -1.88 1.61 -1.73
H5' GN7 A 28 3.90 -1.16 0.16
H5'' GN7 A 28 3.63 -2.65 1.08
H4' GN7 A 28 2.64 -0.70 2.13
H3' GN7 A 28 1.19 -3.06 1.83
H2' GN7 A 28 -0.29 -2.06 0.23
H2'' GN7 A 28 -1.17 -1.67 1.74
H1' GN7 A 28 -0.19 0.54 1.82
H8 GN7 A 28 0.14 -0.83 -1.79
HN1 GN7 A 28 -3.48 4.03 0.51
HN21 GN7 A 28 -4.51 4.84 -1.12
HN22 GN7 A 28 -4.40 4.29 -2.79
P GN7 A 28 5.41 -2.56 -0.62
OP1 GN7 A 28 6.56 -2.83 0.28
OP2 GN7 A 28 4.86 -3.66 -1.45
O5' GN7 A 28 4.22 -1.95 0.31
C5' GN7 A 28 2.91 -2.54 0.36
C4' GN7 A 28 1.91 -1.79 1.25
O4' GN7 A 28 1.66 -0.40 0.88
C3' GN7 A 28 0.56 -2.56 1.12
O3' GN7 A 28 0.09 -3.46 2.15
C2' GN7 A 28 -0.31 -1.41 1.43
C1' GN7 A 28 0.23 -0.24 0.74
N9 GN7 A 28 -0.75 0.43 -2.67
C8 GN7 A 28 -0.10 -0.17 -1.74
N7 GN7 A 28 -0.30 0.29 -0.49
C5 GN7 A 28 -1.21 1.33 -0.64
C6 GN7 A 28 -1.85 2.24 0.28
O6 GN7 A 28 -1.71 2.33 1.50
N1 GN7 A 28 -2.71 3.12 -0.37
C2 GN7 A 28 -2.91 3.10 -1.75
N2 GN7 A 28 -3.79 3.95 -2.24
N3 GN7 A 28 -2.32 2.26 -2.60
C4 GN7 A 28 -1.48 1.40 -1.98
H5' GN7 A 28 3.03 -3.55 0.75
H5'' GN7 A 28 2.53 -2.60 -0.66
H4' GN7 A 28 2.25 -1.81 2.29
H3' GN7 A 28 0.29 -2.87 0.11
H2' GN7 A 28 -1.35 -1.52 1.21
H2'' GN7 A 28 -0.20 -1.22 2.51
H1' GN7 A 28 -0.46 0.32 1.35
H8 GN7 A 28 0.61 -0.99 -1.90
HN1 GN7 A 28 -3.22 3.81 0.18
HN21 GN7 A 28 -4.23 4.61 -1.60
HN22 GN7 A 28 -4.04 3.94 -3.22
P GN7 A 28 4.04 -3.31 -2.18
OP1 GN7 A 28 4.88 -3.85 -1.09
OP2 GN7 A 28 3.37 -4.24 -3.12
O5' GN7 A 28 2.90 -2.37 -1.51
C5' GN7 A 28 1.88 -2.85 -0.62
C4' GN7 A 28 1.75 -1.94 0.61
O4' GN7 A 28 1.34 -0.58 0.32
C3' GN7 A 28 0.74 -2.45 1.61
O3' GN7 A 28 1.19 -2.08 2.91
C2' GN7 A 28 -0.51 -1.71 1.17
C1' GN7 A 28 0.00 -0.32 0.81
N9 GN7 A 28 -1.40 0.51 -2.47
C8 GN7 A 28 -0.69 -0.15 -1.63
N7 GN7 A 28 -0.74 0.26 -0.32
C5 GN7 A 28 -1.62 1.33 -0.36
C6 GN7 A 28 -2.11 2.22 0.66
O6 GN7 A 28 -1.87 2.22 1.86
N1 GN7 A 28 -2.99 3.16 0.11
C2 GN7 A 28 -3.32 3.22 -1.22
N2 GN7 A 28 -4.18 4.16 -1.56
N3 GN7 A 28 -2.85 2.40 -2.16
C4 GN7 A 28 -2.01 1.48 -1.66
H5' GN7 A 28 2.13 -3.85 -0.26
H5'' GN7 A 28 0.93 -2.91 -1.15
H4' GN7 A 28 2.72 -1.91 1.10
H3' GN7 A 28 0.64 -3.54 1.52
H2' GN7 A 28 -0.86 -2.19 0.25
H2'' GN7 A 28 -1.31 -1.68 1.89
H1' GN7 A 28 0.01 0.33 1.69
H8 GN7 A 28 -0.07 -1.00 -1.93
HN1 GN7 A 28 -3.42 3.86 0.72
HN21 GN7 A 28 -4.52 4.80 -0.84
HN22 GN7 A 28 -4.52 4.25 -2.51
#